data_5H7T
#
_entry.id   5H7T
#
_cell.length_a   33.011
_cell.length_b   74.304
_cell.length_c   35.811
_cell.angle_alpha   90.00
_cell.angle_beta   99.88
_cell.angle_gamma   90.00
#
_symmetry.space_group_name_H-M   'P 1 21 1'
#
loop_
_entity.id
_entity.type
_entity.pdbx_description
1 polymer 'Class IV chitinase'
2 water water
#
_entity_poly.entity_id   1
_entity_poly.type   'polypeptide(L)'
_entity_poly.pdbx_seq_one_letter_code
;MHHHHHHGVGSIVSSDVFNSIVGGAASGCAGNGFYTYDSFISAANAFNGFGTSGSSDVNKREIAAFFANAAHETGGFCYI
EEQNPTSIYCDASNTQYPCASGKTYHGRGPLQLSWNYNYGAAGSYIQFDGLNNPEIVGTDSTISFKTAVWFWMVNSNCHT
AITSGQGFGATIRAINSMECDGGNAATVASRVNYYQKFCQQLNVDTGSNLQC
;
_entity_poly.pdbx_strand_id   A
#
# COMPACT_ATOMS: atom_id res chain seq x y z
N GLY A 8 -12.51 -13.68 6.91
CA GLY A 8 -11.86 -12.53 6.19
C GLY A 8 -11.00 -11.71 7.12
N VAL A 9 -10.45 -10.62 6.56
CA VAL A 9 -9.42 -9.84 7.33
C VAL A 9 -10.01 -9.21 8.57
N GLY A 10 -11.29 -9.02 8.57
CA GLY A 10 -11.97 -8.46 9.77
C GLY A 10 -11.84 -9.31 11.01
N SER A 11 -11.40 -10.55 10.94
CA SER A 11 -11.06 -11.38 12.13
C SER A 11 -9.69 -11.17 12.69
N ILE A 12 -8.81 -10.51 11.93
CA ILE A 12 -7.56 -10.14 12.39
C ILE A 12 -7.51 -8.69 12.82
N VAL A 13 -8.13 -7.79 12.01
CA VAL A 13 -8.07 -6.39 12.23
C VAL A 13 -9.43 -5.92 12.66
N SER A 14 -9.61 -5.57 13.92
CA SER A 14 -10.82 -4.96 14.42
C SER A 14 -10.78 -3.46 14.05
N SER A 15 -11.92 -2.79 14.24
N SER A 15 -11.90 -2.79 14.24
CA SER A 15 -12.00 -1.33 14.03
CA SER A 15 -11.87 -1.38 13.96
C SER A 15 -10.97 -0.64 14.91
C SER A 15 -10.94 -0.64 14.90
N ASP A 16 -10.90 -1.01 16.18
CA ASP A 16 -9.99 -0.31 17.11
C ASP A 16 -8.53 -0.54 16.72
N VAL A 17 -8.17 -1.74 16.34
CA VAL A 17 -6.79 -1.98 15.89
C VAL A 17 -6.44 -1.24 14.60
N PHE A 18 -7.38 -1.25 13.63
CA PHE A 18 -7.21 -0.44 12.43
C PHE A 18 -6.96 1.03 12.79
N ASN A 19 -7.80 1.60 13.66
CA ASN A 19 -7.63 3.00 13.98
C ASN A 19 -6.28 3.20 14.68
N SER A 20 -5.82 2.25 15.44
N SER A 20 -5.82 2.27 15.44
CA SER A 20 -4.50 2.34 16.13
CA SER A 20 -4.51 2.44 16.07
C SER A 20 -3.30 2.18 15.18
C SER A 20 -3.37 2.47 15.00
N ILE A 21 -3.55 1.65 13.96
CA ILE A 21 -2.51 1.54 12.92
C ILE A 21 -2.54 2.78 12.08
N VAL A 22 -3.70 3.24 11.64
CA VAL A 22 -3.79 4.31 10.70
C VAL A 22 -3.84 5.70 11.35
N GLY A 23 -4.39 5.80 12.53
CA GLY A 23 -4.54 7.12 13.20
C GLY A 23 -5.78 7.87 12.77
N GLY A 24 -6.24 8.84 13.59
CA GLY A 24 -7.37 9.69 13.28
C GLY A 24 -7.01 10.88 12.42
N ALA A 25 -7.96 11.55 11.82
CA ALA A 25 -7.69 12.76 11.05
C ALA A 25 -7.15 13.81 12.03
N ALA A 26 -6.19 14.59 11.61
CA ALA A 26 -5.64 15.64 12.51
C ALA A 26 -5.16 16.73 11.59
N SER A 27 -4.61 17.82 12.14
CA SER A 27 -4.07 18.89 11.37
C SER A 27 -2.97 18.32 10.47
N GLY A 28 -3.12 18.60 9.18
CA GLY A 28 -2.18 18.16 8.14
C GLY A 28 -2.17 16.64 7.98
N CYS A 29 -3.24 15.89 8.34
CA CYS A 29 -3.08 14.45 8.36
C CYS A 29 -4.41 13.81 8.07
N ALA A 30 -4.59 13.19 6.90
CA ALA A 30 -5.89 12.58 6.57
C ALA A 30 -6.27 11.50 7.53
N GLY A 31 -5.32 10.57 7.96
CA GLY A 31 -5.66 9.50 8.73
C GLY A 31 -6.91 8.72 8.27
N ASN A 32 -7.67 8.17 9.23
CA ASN A 32 -8.85 7.42 8.96
C ASN A 32 -10.02 8.26 8.53
N GLY A 33 -9.85 9.56 8.35
CA GLY A 33 -10.89 10.37 7.69
C GLY A 33 -11.01 9.94 6.22
N PHE A 34 -9.89 9.64 5.56
CA PHE A 34 -9.89 9.07 4.21
C PHE A 34 -9.62 7.55 4.23
N TYR A 35 -8.65 7.13 4.97
CA TYR A 35 -8.26 5.73 4.97
C TYR A 35 -9.16 4.99 6.00
N THR A 36 -10.38 4.66 5.57
CA THR A 36 -11.37 4.16 6.53
C THR A 36 -11.27 2.64 6.66
N TYR A 37 -11.74 2.18 7.82
CA TYR A 37 -11.72 0.78 8.13
C TYR A 37 -12.55 -0.04 7.18
N ASP A 38 -13.79 0.41 6.96
CA ASP A 38 -14.59 -0.48 6.05
C ASP A 38 -14.17 -0.39 4.56
N SER A 39 -13.53 0.69 4.13
N SER A 39 -13.53 0.69 4.13
CA SER A 39 -12.89 0.69 2.83
CA SER A 39 -12.87 0.69 2.83
C SER A 39 -11.73 -0.28 2.74
C SER A 39 -11.74 -0.31 2.76
N PHE A 40 -10.94 -0.36 3.82
CA PHE A 40 -9.86 -1.33 3.85
C PHE A 40 -10.38 -2.75 3.82
N ILE A 41 -11.36 -3.05 4.69
CA ILE A 41 -11.87 -4.42 4.71
C ILE A 41 -12.50 -4.81 3.38
N SER A 42 -13.24 -3.88 2.80
CA SER A 42 -13.89 -4.12 1.53
C SER A 42 -12.86 -4.44 0.48
N ALA A 43 -11.74 -3.70 0.44
CA ALA A 43 -10.67 -3.94 -0.46
C ALA A 43 -9.97 -5.23 -0.23
N ALA A 44 -9.59 -5.45 1.04
CA ALA A 44 -8.84 -6.65 1.44
C ALA A 44 -9.58 -7.89 1.06
N ASN A 45 -10.88 -7.91 1.37
CA ASN A 45 -11.64 -9.14 1.14
C ASN A 45 -11.96 -9.37 -0.31
N ALA A 46 -11.68 -8.44 -1.20
CA ALA A 46 -11.85 -8.60 -2.62
C ALA A 46 -10.71 -9.29 -3.27
N PHE A 47 -9.57 -9.52 -2.60
CA PHE A 47 -8.39 -10.15 -3.17
C PHE A 47 -8.13 -11.40 -2.45
N ASN A 48 -8.56 -12.56 -3.00
CA ASN A 48 -8.39 -13.82 -2.33
C ASN A 48 -6.95 -14.08 -1.95
N GLY A 49 -6.78 -14.49 -0.71
CA GLY A 49 -5.47 -14.77 -0.16
C GLY A 49 -4.83 -13.68 0.62
N PHE A 50 -5.27 -12.43 0.41
CA PHE A 50 -4.62 -11.29 1.12
C PHE A 50 -4.94 -11.36 2.59
N GLY A 51 -3.91 -11.58 3.41
CA GLY A 51 -4.14 -11.72 4.83
C GLY A 51 -4.82 -12.97 5.32
N THR A 52 -4.96 -13.94 4.40
CA THR A 52 -5.69 -15.16 4.73
C THR A 52 -5.04 -16.39 4.23
N SER A 53 -3.94 -16.36 3.49
N SER A 53 -3.94 -16.36 3.52
CA SER A 53 -3.36 -17.54 2.82
CA SER A 53 -3.45 -17.54 2.83
C SER A 53 -2.69 -18.51 3.73
C SER A 53 -2.51 -18.44 3.59
N GLY A 54 -2.10 -18.02 4.81
CA GLY A 54 -1.19 -18.81 5.61
C GLY A 54 -1.70 -19.07 7.00
N SER A 55 -0.73 -19.35 7.88
CA SER A 55 -1.00 -19.50 9.31
C SER A 55 -1.46 -18.16 9.89
N SER A 56 -2.01 -18.17 11.07
CA SER A 56 -2.36 -16.93 11.73
C SER A 56 -1.19 -15.96 11.82
N ASP A 57 -0.02 -16.43 12.19
CA ASP A 57 1.10 -15.55 12.28
C ASP A 57 1.54 -14.99 10.96
N VAL A 58 1.56 -15.82 9.93
CA VAL A 58 1.90 -15.34 8.60
C VAL A 58 0.89 -14.29 8.13
N ASN A 59 -0.35 -14.53 8.42
CA ASN A 59 -1.39 -13.57 7.96
C ASN A 59 -1.27 -12.26 8.73
N LYS A 60 -0.96 -12.28 10.00
CA LYS A 60 -0.75 -11.06 10.77
C LYS A 60 0.48 -10.34 10.26
N ARG A 61 1.58 -11.05 10.01
CA ARG A 61 2.76 -10.39 9.45
C ARG A 61 2.43 -9.75 8.12
N GLU A 62 1.67 -10.43 7.26
CA GLU A 62 1.32 -9.84 5.96
C GLU A 62 0.59 -8.51 6.17
N ILE A 63 -0.41 -8.52 7.04
N ILE A 63 -0.39 -8.51 7.04
CA ILE A 63 -1.17 -7.30 7.31
CA ILE A 63 -1.14 -7.29 7.23
C ILE A 63 -0.25 -6.19 7.87
C ILE A 63 -0.26 -6.18 7.88
N ALA A 64 0.58 -6.55 8.81
CA ALA A 64 1.53 -5.57 9.35
C ALA A 64 2.48 -5.08 8.29
N ALA A 65 2.94 -5.93 7.40
CA ALA A 65 3.87 -5.51 6.36
C ALA A 65 3.22 -4.58 5.38
N PHE A 66 1.96 -4.87 4.98
CA PHE A 66 1.20 -4.02 4.10
C PHE A 66 1.06 -2.62 4.73
N PHE A 67 0.56 -2.60 5.94
CA PHE A 67 0.36 -1.30 6.60
C PHE A 67 1.68 -0.60 6.86
N ALA A 68 2.77 -1.30 7.16
CA ALA A 68 4.04 -0.62 7.44
C ALA A 68 4.57 0.09 6.19
N ASN A 69 4.50 -0.60 5.02
CA ASN A 69 4.89 0.07 3.79
C ASN A 69 3.95 1.22 3.46
N ALA A 70 2.67 1.03 3.66
CA ALA A 70 1.72 2.10 3.39
C ALA A 70 1.93 3.29 4.31
N ALA A 71 2.19 3.06 5.57
CA ALA A 71 2.47 4.15 6.54
C ALA A 71 3.70 4.88 6.08
N HIS A 72 4.73 4.20 5.65
CA HIS A 72 5.89 4.89 5.16
C HIS A 72 5.57 5.74 3.97
N GLU A 73 4.89 5.17 2.96
CA GLU A 73 4.65 5.87 1.70
C GLU A 73 3.78 7.10 1.88
N THR A 74 2.86 7.10 2.87
CA THR A 74 1.89 8.15 3.07
C THR A 74 2.25 9.06 4.23
N GLY A 75 3.44 8.96 4.77
CA GLY A 75 3.77 9.82 5.95
C GLY A 75 2.95 9.54 7.11
N GLY A 76 2.73 8.29 7.47
CA GLY A 76 1.88 7.96 8.60
C GLY A 76 0.42 8.16 8.34
N PHE A 77 0.01 7.90 7.10
CA PHE A 77 -1.41 8.02 6.64
C PHE A 77 -1.81 9.48 6.68
N CYS A 78 -0.82 10.39 6.67
CA CYS A 78 -1.15 11.76 6.58
C CYS A 78 -1.55 12.24 5.20
N TYR A 79 -0.91 11.67 4.16
CA TYR A 79 -1.12 12.11 2.81
C TYR A 79 -1.88 11.11 1.99
N ILE A 80 -2.69 11.63 1.10
CA ILE A 80 -3.40 10.88 0.06
C ILE A 80 -2.58 10.94 -1.22
N GLU A 81 -2.07 12.11 -1.55
N GLU A 81 -2.18 12.16 -1.60
CA GLU A 81 -1.29 12.26 -2.78
CA GLU A 81 -1.42 12.51 -2.82
C GLU A 81 0.11 12.65 -2.50
C GLU A 81 0.10 12.68 -2.50
N GLU A 82 0.99 12.27 -3.39
CA GLU A 82 2.40 12.63 -3.35
C GLU A 82 2.48 14.13 -3.15
N GLN A 83 3.28 14.54 -2.19
CA GLN A 83 3.42 15.96 -1.87
C GLN A 83 4.42 16.68 -2.77
N ASN A 84 3.97 17.80 -3.27
CA ASN A 84 4.81 18.69 -4.09
C ASN A 84 5.52 17.95 -5.23
N PRO A 85 4.76 17.18 -6.02
CA PRO A 85 5.38 16.44 -7.12
C PRO A 85 6.02 17.44 -8.13
N THR A 86 7.16 17.03 -8.65
CA THR A 86 7.83 17.74 -9.73
C THR A 86 7.55 17.14 -11.09
N SER A 87 6.81 16.06 -11.15
N SER A 87 6.80 16.07 -11.16
CA SER A 87 6.53 15.35 -12.41
CA SER A 87 6.49 15.42 -12.44
C SER A 87 5.07 14.96 -12.43
C SER A 87 5.07 14.97 -12.43
N ILE A 88 4.53 14.77 -13.64
CA ILE A 88 3.22 14.17 -13.80
C ILE A 88 3.33 12.70 -14.00
N TYR A 89 4.54 12.12 -14.11
CA TYR A 89 4.69 10.67 -14.25
C TYR A 89 4.01 10.14 -15.49
N CYS A 90 4.30 10.81 -16.62
CA CYS A 90 3.81 10.35 -17.94
C CYS A 90 4.95 9.77 -18.75
N ASP A 91 4.96 8.46 -18.88
CA ASP A 91 5.93 7.76 -19.75
C ASP A 91 5.29 7.68 -21.10
N ALA A 92 5.61 8.60 -21.98
CA ALA A 92 5.02 8.69 -23.32
C ALA A 92 5.44 7.57 -24.22
N SER A 93 6.37 6.79 -23.84
CA SER A 93 6.77 5.62 -24.62
C SER A 93 5.82 4.47 -24.43
N ASN A 94 4.96 4.52 -23.40
CA ASN A 94 4.06 3.40 -23.17
C ASN A 94 2.84 3.60 -23.93
N THR A 95 2.63 2.78 -24.98
CA THR A 95 1.49 2.90 -25.84
C THR A 95 0.33 2.01 -25.48
N GLN A 96 0.52 1.12 -24.57
CA GLN A 96 -0.59 0.32 -24.05
C GLN A 96 -1.47 1.22 -23.17
N TYR A 97 -0.87 2.12 -22.40
CA TYR A 97 -1.56 2.94 -21.38
C TYR A 97 -1.21 4.41 -21.61
N PRO A 98 -1.65 4.98 -22.68
CA PRO A 98 -1.24 6.34 -23.03
C PRO A 98 -1.73 7.39 -22.06
N CYS A 99 -0.89 8.38 -21.80
CA CYS A 99 -1.26 9.49 -20.93
C CYS A 99 -2.37 10.31 -21.52
N ALA A 100 -3.31 10.70 -20.71
CA ALA A 100 -4.37 11.64 -21.09
C ALA A 100 -3.92 13.03 -20.78
N SER A 101 -3.99 13.92 -21.79
CA SER A 101 -3.55 15.28 -21.59
C SER A 101 -4.30 15.92 -20.44
N GLY A 102 -3.57 16.62 -19.57
CA GLY A 102 -4.16 17.32 -18.47
C GLY A 102 -4.26 16.48 -17.19
N LYS A 103 -4.00 15.18 -17.27
CA LYS A 103 -4.06 14.29 -16.11
C LYS A 103 -2.68 14.08 -15.52
N THR A 104 -2.66 13.70 -14.27
CA THR A 104 -1.41 13.49 -13.53
C THR A 104 -1.42 12.11 -12.91
N TYR A 105 -0.23 11.49 -12.89
CA TYR A 105 -0.06 10.14 -12.42
C TYR A 105 0.96 10.06 -11.26
N HIS A 106 1.07 11.12 -10.48
CA HIS A 106 1.87 11.09 -9.27
C HIS A 106 1.23 10.15 -8.24
N GLY A 107 1.94 9.89 -7.18
CA GLY A 107 1.49 8.89 -6.22
C GLY A 107 0.20 9.21 -5.60
N ARG A 108 -0.69 8.21 -5.50
CA ARG A 108 -1.93 8.34 -4.78
C ARG A 108 -2.23 7.05 -4.00
N GLY A 109 -2.85 7.21 -2.86
CA GLY A 109 -3.33 6.10 -2.05
C GLY A 109 -2.28 5.47 -1.19
N PRO A 110 -2.63 4.36 -0.51
CA PRO A 110 -1.75 3.80 0.50
C PRO A 110 -0.39 3.44 0.02
N LEU A 111 -0.27 2.89 -1.22
CA LEU A 111 1.05 2.53 -1.74
C LEU A 111 1.50 3.47 -2.85
N GLN A 112 0.87 4.65 -2.93
CA GLN A 112 1.40 5.73 -3.80
C GLN A 112 1.59 5.23 -5.23
N LEU A 113 0.49 4.70 -5.78
CA LEU A 113 0.40 4.26 -7.18
C LEU A 113 0.88 5.41 -8.08
N SER A 114 1.77 5.13 -9.03
N SER A 114 1.82 5.16 -8.98
CA SER A 114 2.43 6.14 -9.83
CA SER A 114 2.33 6.19 -9.88
C SER A 114 2.58 5.63 -11.26
C SER A 114 2.60 5.64 -11.26
N TRP A 115 2.53 6.54 -12.22
CA TRP A 115 2.75 6.36 -13.64
C TRP A 115 1.54 5.96 -14.40
N ASN A 116 1.38 6.48 -15.60
CA ASN A 116 0.34 6.06 -16.49
C ASN A 116 0.19 4.57 -16.60
N TYR A 117 1.27 3.86 -16.76
CA TYR A 117 1.20 2.41 -16.93
C TYR A 117 0.60 1.69 -15.71
N ASN A 118 0.92 2.15 -14.50
CA ASN A 118 0.35 1.50 -13.35
C ASN A 118 -1.07 1.85 -13.08
N TYR A 119 -1.40 3.17 -13.29
CA TYR A 119 -2.81 3.54 -13.21
C TYR A 119 -3.65 2.81 -14.24
N GLY A 120 -3.16 2.69 -15.45
CA GLY A 120 -3.87 1.96 -16.47
C GLY A 120 -4.14 0.52 -16.10
N ALA A 121 -3.09 -0.13 -15.66
CA ALA A 121 -3.21 -1.56 -15.29
C ALA A 121 -4.11 -1.72 -14.10
N ALA A 122 -3.95 -0.88 -13.08
CA ALA A 122 -4.78 -0.99 -11.89
C ALA A 122 -6.24 -0.81 -12.26
N GLY A 123 -6.53 0.24 -13.07
CA GLY A 123 -7.87 0.50 -13.46
C GLY A 123 -8.52 -0.61 -14.25
N SER A 124 -7.73 -1.27 -15.10
N SER A 124 -7.72 -1.28 -15.08
CA SER A 124 -8.25 -2.44 -15.84
CA SER A 124 -8.22 -2.40 -15.87
C SER A 124 -8.74 -3.48 -14.85
C SER A 124 -8.58 -3.58 -14.96
N TYR A 125 -7.94 -3.75 -13.81
CA TYR A 125 -8.25 -4.81 -12.91
C TYR A 125 -9.42 -4.45 -12.03
N ILE A 126 -9.39 -3.26 -11.45
CA ILE A 126 -10.31 -2.82 -10.43
C ILE A 126 -11.59 -2.26 -10.98
N GLN A 127 -11.59 -1.84 -12.23
CA GLN A 127 -12.75 -1.24 -12.98
C GLN A 127 -12.89 0.20 -12.69
N PHE A 128 -11.83 0.97 -12.99
CA PHE A 128 -11.92 2.44 -13.08
C PHE A 128 -11.07 2.83 -14.24
N ASP A 129 -11.28 4.03 -14.74
CA ASP A 129 -10.48 4.52 -15.86
C ASP A 129 -9.20 5.17 -15.34
N GLY A 130 -8.12 4.37 -15.30
CA GLY A 130 -6.90 4.87 -14.72
C GLY A 130 -6.23 5.93 -15.50
N LEU A 131 -6.52 6.01 -16.82
CA LEU A 131 -5.87 7.00 -17.69
C LEU A 131 -6.58 8.38 -17.69
N ASN A 132 -7.93 8.33 -17.76
CA ASN A 132 -8.70 9.54 -17.74
C ASN A 132 -9.15 9.97 -16.39
N ASN A 133 -9.05 9.07 -15.36
CA ASN A 133 -9.58 9.41 -14.06
C ASN A 133 -8.63 8.92 -12.95
N PRO A 134 -7.34 9.13 -13.08
CA PRO A 134 -6.40 8.63 -12.01
C PRO A 134 -6.72 9.27 -10.69
N GLU A 135 -7.28 10.48 -10.68
CA GLU A 135 -7.58 11.19 -9.47
C GLU A 135 -8.60 10.42 -8.57
N ILE A 136 -9.33 9.49 -9.12
CA ILE A 136 -10.24 8.71 -8.26
C ILE A 136 -9.51 7.93 -7.16
N VAL A 137 -8.26 7.60 -7.39
CA VAL A 137 -7.44 6.91 -6.38
C VAL A 137 -7.22 7.75 -5.17
N GLY A 138 -7.36 9.08 -5.30
CA GLY A 138 -7.31 9.98 -4.17
C GLY A 138 -8.61 10.49 -3.65
N THR A 139 -9.74 10.02 -4.17
CA THR A 139 -11.04 10.50 -3.70
C THR A 139 -11.94 9.37 -3.28
N ASP A 140 -11.80 8.15 -3.76
CA ASP A 140 -12.67 7.08 -3.38
C ASP A 140 -11.83 6.11 -2.50
N SER A 141 -12.10 6.03 -1.21
N SER A 141 -12.18 6.02 -1.22
CA SER A 141 -11.21 5.27 -0.35
CA SER A 141 -11.44 5.27 -0.22
C SER A 141 -11.20 3.78 -0.64
C SER A 141 -11.25 3.82 -0.62
N THR A 142 -12.31 3.20 -1.07
CA THR A 142 -12.28 1.78 -1.42
C THR A 142 -11.42 1.54 -2.63
N ILE A 143 -11.60 2.34 -3.68
CA ILE A 143 -10.67 2.22 -4.80
C ILE A 143 -9.26 2.43 -4.37
N SER A 144 -9.03 3.41 -3.53
CA SER A 144 -7.69 3.72 -3.06
C SER A 144 -7.02 2.49 -2.43
N PHE A 145 -7.75 1.91 -1.46
CA PHE A 145 -7.20 0.68 -0.86
C PHE A 145 -7.09 -0.45 -1.87
N LYS A 146 -8.04 -0.60 -2.78
CA LYS A 146 -7.91 -1.65 -3.80
C LYS A 146 -6.64 -1.50 -4.62
N THR A 147 -6.24 -0.25 -4.96
CA THR A 147 -5.03 -0.11 -5.71
C THR A 147 -3.83 -0.64 -4.96
N ALA A 148 -3.82 -0.38 -3.65
CA ALA A 148 -2.71 -0.88 -2.82
C ALA A 148 -2.71 -2.41 -2.73
N VAL A 149 -3.91 -2.99 -2.49
CA VAL A 149 -3.95 -4.45 -2.42
C VAL A 149 -3.68 -5.08 -3.74
N TRP A 150 -4.09 -4.44 -4.85
CA TRP A 150 -3.71 -4.91 -6.17
C TRP A 150 -2.21 -4.87 -6.36
N PHE A 151 -1.57 -3.79 -5.95
CA PHE A 151 -0.15 -3.70 -6.09
C PHE A 151 0.54 -4.83 -5.32
N TRP A 152 0.06 -5.08 -4.11
CA TRP A 152 0.61 -6.09 -3.20
C TRP A 152 0.45 -7.48 -3.72
N MET A 153 -0.72 -7.80 -4.26
CA MET A 153 -1.14 -9.12 -4.67
C MET A 153 -0.89 -9.49 -6.11
N VAL A 154 -1.01 -8.51 -7.01
CA VAL A 154 -1.00 -8.74 -8.47
C VAL A 154 0.16 -8.08 -9.13
N ASN A 155 0.56 -6.92 -8.77
CA ASN A 155 1.53 -6.17 -9.49
C ASN A 155 2.93 -6.24 -8.91
N SER A 156 3.18 -7.09 -7.93
CA SER A 156 4.48 -7.14 -7.22
C SER A 156 4.61 -8.47 -6.55
N ASN A 157 5.84 -8.69 -6.03
CA ASN A 157 6.14 -9.84 -5.21
C ASN A 157 5.89 -9.68 -3.75
N CYS A 158 5.15 -8.64 -3.32
CA CYS A 158 5.01 -8.44 -1.87
C CYS A 158 4.30 -9.59 -1.20
N HIS A 159 3.14 -10.00 -1.71
CA HIS A 159 2.40 -11.08 -1.08
C HIS A 159 3.19 -12.36 -1.06
N THR A 160 3.79 -12.74 -2.20
CA THR A 160 4.56 -13.97 -2.20
C THR A 160 5.74 -13.89 -1.25
N ALA A 161 6.42 -12.79 -1.19
CA ALA A 161 7.54 -12.68 -0.29
C ALA A 161 7.16 -12.93 1.13
N ILE A 162 6.18 -12.19 1.66
CA ILE A 162 5.88 -12.26 3.07
C ILE A 162 5.23 -13.56 3.46
N THR A 163 4.56 -14.22 2.51
CA THR A 163 3.92 -15.49 2.76
C THR A 163 4.82 -16.69 2.44
N SER A 164 6.02 -16.51 2.06
N SER A 164 6.02 -16.50 1.99
CA SER A 164 6.90 -17.61 1.65
CA SER A 164 6.94 -17.59 1.60
C SER A 164 8.22 -17.57 2.38
C SER A 164 8.22 -17.58 2.39
N GLY A 165 8.25 -16.95 3.55
CA GLY A 165 9.41 -17.01 4.40
C GLY A 165 10.48 -16.04 4.10
N GLN A 166 10.28 -15.08 3.15
CA GLN A 166 11.31 -14.18 2.74
C GLN A 166 11.55 -13.03 3.64
N GLY A 167 10.65 -12.68 4.51
CA GLY A 167 10.84 -11.64 5.49
C GLY A 167 10.30 -10.27 5.06
N PHE A 168 10.14 -9.39 6.02
CA PHE A 168 9.68 -8.03 5.71
C PHE A 168 10.54 -7.31 4.74
N GLY A 169 11.87 -7.46 4.86
CA GLY A 169 12.74 -6.76 3.96
C GLY A 169 12.51 -7.10 2.52
N ALA A 170 12.06 -8.30 2.21
CA ALA A 170 11.75 -8.68 0.86
C ALA A 170 10.53 -7.95 0.33
N THR A 171 9.61 -7.49 1.21
CA THR A 171 8.53 -6.63 0.76
C THR A 171 9.04 -5.24 0.40
N ILE A 172 10.03 -4.74 1.12
CA ILE A 172 10.69 -3.47 0.74
C ILE A 172 11.29 -3.65 -0.63
N ARG A 173 12.00 -4.73 -0.86
CA ARG A 173 12.64 -4.95 -2.12
C ARG A 173 11.62 -5.01 -3.27
N ALA A 174 10.47 -5.63 -2.97
CA ALA A 174 9.39 -5.77 -3.98
C ALA A 174 8.81 -4.46 -4.28
N ILE A 175 8.74 -3.50 -3.34
CA ILE A 175 8.15 -2.13 -3.58
C ILE A 175 9.10 -1.15 -4.10
N ASN A 176 10.31 -1.07 -3.59
CA ASN A 176 11.28 -0.08 -4.05
CA ASN A 176 11.24 -0.09 -4.05
C ASN A 176 12.69 -0.58 -3.83
N SER A 177 13.12 -1.45 -4.78
CA SER A 177 14.36 -2.15 -4.58
C SER A 177 15.59 -1.26 -4.54
N MET A 178 15.50 0.01 -5.00
CA MET A 178 16.62 0.92 -4.89
C MET A 178 17.00 1.27 -3.50
N GLU A 179 16.03 1.09 -2.50
CA GLU A 179 16.36 1.37 -1.13
C GLU A 179 17.25 0.29 -0.48
N CYS A 180 17.23 -0.89 -1.12
CA CYS A 180 17.90 -2.08 -0.57
C CYS A 180 19.38 -2.03 -0.88
N ASP A 181 20.14 -2.92 -0.28
CA ASP A 181 21.56 -3.08 -0.62
C ASP A 181 22.35 -1.83 -0.25
N GLY A 182 21.99 -1.11 0.78
CA GLY A 182 22.60 0.15 1.12
C GLY A 182 22.06 1.37 0.50
N GLY A 183 21.08 1.25 -0.35
CA GLY A 183 20.62 2.35 -1.10
C GLY A 183 20.08 3.45 -0.18
N ASN A 184 19.21 3.11 0.78
CA ASN A 184 18.59 4.14 1.67
C ASN A 184 18.34 3.56 3.01
N ALA A 185 19.29 3.59 3.89
CA ALA A 185 19.15 3.05 5.17
C ALA A 185 18.02 3.76 5.95
N ALA A 186 17.86 5.06 5.70
CA ALA A 186 16.84 5.79 6.45
C ALA A 186 15.41 5.38 6.11
N THR A 187 15.14 5.22 4.84
CA THR A 187 13.78 4.76 4.47
C THR A 187 13.54 3.30 4.85
N VAL A 188 14.55 2.45 4.74
CA VAL A 188 14.43 1.09 5.29
C VAL A 188 14.13 1.19 6.77
N ALA A 189 14.79 2.05 7.57
CA ALA A 189 14.56 2.16 8.98
C ALA A 189 13.11 2.64 9.26
N SER A 190 12.63 3.59 8.51
CA SER A 190 11.29 4.05 8.67
C SER A 190 10.23 2.94 8.45
N ARG A 191 10.39 2.19 7.36
CA ARG A 191 9.51 1.05 7.08
C ARG A 191 9.58 0.02 8.16
N VAL A 192 10.77 -0.33 8.60
CA VAL A 192 10.96 -1.31 9.66
C VAL A 192 10.35 -0.85 10.97
N ASN A 193 10.51 0.43 11.30
CA ASN A 193 9.94 0.95 12.54
C ASN A 193 8.44 0.82 12.59
N TYR A 194 7.77 1.15 11.45
CA TYR A 194 6.32 0.91 11.36
C TYR A 194 5.99 -0.54 11.44
N TYR A 195 6.73 -1.44 10.79
CA TYR A 195 6.43 -2.86 10.85
C TYR A 195 6.52 -3.41 12.26
N GLN A 196 7.57 -2.96 12.98
CA GLN A 196 7.68 -3.41 14.39
C GLN A 196 6.51 -2.88 15.20
N LYS A 197 6.11 -1.68 15.04
CA LYS A 197 4.96 -1.13 15.77
C LYS A 197 3.73 -1.94 15.44
N PHE A 198 3.46 -2.21 14.18
CA PHE A 198 2.21 -2.85 13.78
C PHE A 198 2.22 -4.30 14.14
N CYS A 199 3.36 -4.99 14.07
CA CYS A 199 3.41 -6.36 14.60
C CYS A 199 3.07 -6.41 16.08
N GLN A 200 3.58 -5.45 16.83
CA GLN A 200 3.19 -5.41 18.27
C GLN A 200 1.73 -5.16 18.43
N GLN A 201 1.11 -4.32 17.64
CA GLN A 201 -0.32 -4.07 17.75
C GLN A 201 -1.15 -5.26 17.33
N LEU A 202 -0.65 -6.12 16.43
CA LEU A 202 -1.31 -7.33 15.99
C LEU A 202 -0.88 -8.53 16.76
N ASN A 203 -0.04 -8.37 17.78
CA ASN A 203 0.43 -9.52 18.54
C ASN A 203 1.02 -10.60 17.66
N VAL A 204 2.10 -10.25 16.93
CA VAL A 204 2.80 -11.25 16.19
C VAL A 204 4.27 -10.99 16.22
N ASP A 205 5.05 -12.05 16.26
CA ASP A 205 6.48 -11.95 16.05
C ASP A 205 6.81 -11.35 14.67
N THR A 206 7.81 -10.47 14.64
CA THR A 206 8.15 -9.82 13.36
C THR A 206 8.77 -10.76 12.40
N GLY A 207 9.36 -11.88 12.83
CA GLY A 207 10.28 -12.64 12.02
C GLY A 207 11.57 -11.93 11.90
N SER A 208 12.37 -12.48 11.00
CA SER A 208 13.73 -12.03 10.70
C SER A 208 13.81 -11.30 9.37
N ASN A 209 15.03 -10.96 8.98
CA ASN A 209 15.24 -10.34 7.70
C ASN A 209 14.38 -9.12 7.47
N LEU A 210 14.42 -8.22 8.45
CA LEU A 210 13.58 -7.05 8.37
C LEU A 210 14.10 -5.99 7.38
N GLN A 211 15.44 -5.84 7.36
CA GLN A 211 16.05 -4.91 6.41
C GLN A 211 16.21 -5.56 5.05
N CYS A 212 16.54 -4.69 4.07
CA CYS A 212 17.13 -5.17 2.84
C CYS A 212 18.34 -4.26 2.42
#